data_5JN2
#
_entry.id   5JN2
#
_cell.length_a   48.142
_cell.length_b   72.473
_cell.length_c   65.101
_cell.angle_alpha   90.000
_cell.angle_beta   98.630
_cell.angle_gamma   90.000
#
_symmetry.space_group_name_H-M   'P 1 21 1'
#
loop_
_entity.id
_entity.type
_entity.pdbx_description
1 polymer 'Calmodulin-domain protein kinase 1'
2 non-polymer N-[(3-{4-amino-5-[3-(benzyloxy)phenyl]-7H-pyrrolo[2,3-d]pyrimidin-7-yl}cyclobutyl)methyl]acetamide
3 non-polymer 'CALCIUM ION'
4 non-polymer 1,2-ETHANEDIOL
5 water water
#
_entity_poly.entity_id   1
_entity_poly.type   'polypeptide(L)'
_entity_poly.pdbx_seq_one_letter_code
;MHHHHHHSSGRENLYFQGMGQQESTLGGAAGEPRSRGHAAGTSGGPGDHLHATPGMFVQHSTAIFSDRYKGQRVLGKGSF
GEVILCKDKITGQECAVKVISKRQVKQKTDKESLLREVQLLKQLDHPNIMKLYEFFEDKGYFYLVGEVYTGGELFDEIIS
RKRFSEVDAARIIRQVLSGITYMHKNKIVHRDLKPENLLLESKSKDANIRIIDFGLSTHFEASKKMKDKIGTAYYIAPEV
LHGTYDEKCDVWSTGVILYILLSGCPPFNGANEYDILKKVEKGKYTFELPQWKKVSESAKDLIRKMLTYVPSMRISARDA
LDHEWIQTYTKEQISVDVPSLDNAILNIRQFQGTQKLAQAALLYMGSKLTSQDETKELTAIFHKMDKNGDGQLDRAELIE
GYKELMRMKGQDASMLDASAVEHEVDQVLDAVDFDKNGYIEYSEFVTVAMDRKTLLSRERLERAFRMFDSDNSGKISSTE
LATIFGVSDVDSETWKSVLSEVDKNNDGEVDFDEFQQMLLKLCGN
;
_entity_poly.pdbx_strand_id   A
#
loop_
_chem_comp.id
_chem_comp.type
_chem_comp.name
_chem_comp.formula
6LO non-polymer N-[(3-{4-amino-5-[3-(benzyloxy)phenyl]-7H-pyrrolo[2,3-d]pyrimidin-7-yl}cyclobutyl)methyl]acetamide 'C26 H27 N5 O2'
CA non-polymer 'CALCIUM ION' 'Ca 2'
EDO non-polymer 1,2-ETHANEDIOL 'C2 H6 O2'
#
# COMPACT_ATOMS: atom_id res chain seq x y z
N SER A 61 19.48 -5.61 -17.12
CA SER A 61 19.64 -5.58 -18.57
C SER A 61 20.24 -6.86 -19.11
N THR A 62 21.49 -7.15 -18.75
CA THR A 62 22.20 -8.36 -19.21
C THR A 62 21.73 -9.59 -18.40
N ALA A 63 21.77 -9.50 -17.05
CA ALA A 63 21.38 -10.60 -16.17
C ALA A 63 19.86 -10.76 -16.10
N ILE A 64 19.38 -12.01 -15.98
CA ILE A 64 17.94 -12.32 -15.91
C ILE A 64 17.55 -12.54 -14.45
N PHE A 65 16.35 -12.06 -14.07
CA PHE A 65 15.85 -12.17 -12.70
C PHE A 65 15.42 -13.60 -12.36
N SER A 66 14.59 -14.22 -13.23
CA SER A 66 14.05 -15.57 -13.03
C SER A 66 15.14 -16.65 -12.90
N ASP A 67 16.29 -16.47 -13.57
CA ASP A 67 17.39 -17.43 -13.49
C ASP A 67 18.06 -17.43 -12.09
N ARG A 68 17.95 -16.30 -11.33
CA ARG A 68 18.54 -16.19 -10.00
C ARG A 68 17.52 -16.41 -8.88
N TYR A 69 16.30 -15.86 -9.02
CA TYR A 69 15.28 -15.91 -7.97
C TYR A 69 14.02 -16.67 -8.39
N LYS A 70 13.33 -17.28 -7.41
CA LYS A 70 12.05 -17.99 -7.59
C LYS A 70 11.01 -17.40 -6.62
N GLY A 71 9.80 -17.16 -7.10
CA GLY A 71 8.73 -16.60 -6.30
C GLY A 71 8.13 -17.61 -5.33
N GLN A 72 8.07 -17.27 -4.03
CA GLN A 72 7.53 -18.16 -2.99
C GLN A 72 6.12 -17.77 -2.57
N ARG A 73 5.89 -16.48 -2.26
CA ARG A 73 4.58 -16.01 -1.77
C ARG A 73 4.37 -14.53 -2.13
N VAL A 74 3.11 -14.11 -2.33
CA VAL A 74 2.79 -12.71 -2.62
C VAL A 74 2.71 -11.97 -1.28
N LEU A 75 3.63 -11.02 -1.03
CA LEU A 75 3.65 -10.27 0.22
C LEU A 75 2.55 -9.19 0.24
N GLY A 76 2.32 -8.52 -0.88
CA GLY A 76 1.30 -7.49 -0.98
C GLY A 76 1.44 -6.57 -2.18
N LYS A 77 0.50 -5.60 -2.31
CA LYS A 77 0.50 -4.61 -3.40
C LYS A 77 0.98 -3.28 -2.85
N GLY A 78 2.21 -2.91 -3.20
CA GLY A 78 2.82 -1.65 -2.77
C GLY A 78 2.72 -0.58 -3.84
N SER A 79 3.40 0.56 -3.64
CA SER A 79 3.40 1.67 -4.59
C SER A 79 4.22 1.28 -5.82
N PHE A 80 3.64 1.48 -7.04
CA PHE A 80 4.21 1.21 -8.36
C PHE A 80 4.07 -0.27 -8.81
N GLY A 81 3.90 -1.22 -7.89
CA GLY A 81 3.76 -2.62 -8.29
C GLY A 81 3.60 -3.63 -7.18
N GLU A 82 3.49 -4.92 -7.57
CA GLU A 82 3.33 -6.05 -6.64
C GLU A 82 4.63 -6.38 -5.92
N VAL A 83 4.53 -6.85 -4.66
CA VAL A 83 5.68 -7.24 -3.84
C VAL A 83 5.64 -8.75 -3.64
N ILE A 84 6.71 -9.46 -4.04
CA ILE A 84 6.80 -10.92 -3.95
C ILE A 84 7.95 -11.37 -3.03
N LEU A 85 7.68 -12.37 -2.17
CA LEU A 85 8.70 -12.98 -1.33
C LEU A 85 9.40 -13.98 -2.24
N CYS A 86 10.66 -13.70 -2.60
CA CYS A 86 11.43 -14.58 -3.49
C CYS A 86 12.59 -15.18 -2.72
N LYS A 87 13.20 -16.21 -3.31
CA LYS A 87 14.31 -16.93 -2.71
C LYS A 87 15.38 -17.19 -3.76
N ASP A 88 16.66 -16.95 -3.39
CA ASP A 88 17.78 -17.19 -4.30
C ASP A 88 17.87 -18.70 -4.54
N LYS A 89 17.99 -19.12 -5.81
CA LYS A 89 18.03 -20.54 -6.18
C LYS A 89 19.32 -21.26 -5.70
N ILE A 90 20.41 -20.52 -5.35
CA ILE A 90 21.67 -21.13 -4.90
C ILE A 90 21.82 -21.01 -3.38
N THR A 91 21.94 -19.77 -2.89
CA THR A 91 22.22 -19.49 -1.48
C THR A 91 21.00 -19.68 -0.56
N GLY A 92 19.80 -19.64 -1.11
CA GLY A 92 18.57 -19.76 -0.33
C GLY A 92 18.21 -18.53 0.46
N GLN A 93 18.82 -17.36 0.15
CA GLN A 93 18.54 -16.11 0.84
C GLN A 93 17.16 -15.60 0.45
N GLU A 94 16.30 -15.30 1.44
CA GLU A 94 14.97 -14.76 1.18
C GLU A 94 15.08 -13.28 0.85
N CYS A 95 14.22 -12.78 -0.05
CA CYS A 95 14.24 -11.37 -0.43
CA CYS A 95 14.26 -11.39 -0.53
C CYS A 95 12.84 -10.92 -0.85
N ALA A 96 12.56 -9.62 -0.67
CA ALA A 96 11.28 -9.00 -1.02
C ALA A 96 11.51 -8.27 -2.33
N VAL A 97 10.80 -8.66 -3.39
CA VAL A 97 11.01 -8.08 -4.72
C VAL A 97 9.79 -7.27 -5.16
N LYS A 98 9.98 -5.95 -5.34
CA LYS A 98 8.92 -5.09 -5.86
C LYS A 98 9.00 -5.16 -7.39
N VAL A 99 7.94 -5.67 -8.04
CA VAL A 99 7.86 -5.83 -9.49
C VAL A 99 7.05 -4.68 -10.08
N ILE A 100 7.71 -3.74 -10.77
CA ILE A 100 7.08 -2.56 -11.38
C ILE A 100 6.87 -2.83 -12.88
N SER A 101 5.60 -2.92 -13.33
CA SER A 101 5.28 -3.16 -14.74
C SER A 101 5.48 -1.87 -15.54
N LYS A 102 6.23 -1.96 -16.66
CA LYS A 102 6.53 -0.81 -17.52
C LYS A 102 5.26 -0.24 -18.21
N ARG A 103 4.22 -1.05 -18.44
CA ARG A 103 2.99 -0.57 -19.08
C ARG A 103 2.13 0.21 -18.08
N GLN A 104 2.00 -0.28 -16.83
CA GLN A 104 1.19 0.39 -15.80
C GLN A 104 1.93 1.58 -15.16
N VAL A 105 3.27 1.71 -15.34
CA VAL A 105 4.06 2.80 -14.75
C VAL A 105 4.97 3.42 -15.82
N LYS A 106 4.91 4.76 -15.97
CA LYS A 106 5.73 5.50 -16.93
C LYS A 106 7.01 6.00 -16.25
N GLN A 107 8.12 6.06 -17.00
CA GLN A 107 9.40 6.55 -16.49
C GLN A 107 9.46 8.07 -16.59
N LYS A 108 9.68 8.76 -15.46
CA LYS A 108 9.78 10.23 -15.42
C LYS A 108 11.13 10.70 -15.99
N THR A 109 12.22 9.97 -15.67
CA THR A 109 13.58 10.28 -16.12
C THR A 109 14.04 9.29 -17.19
N ASP A 110 15.25 9.52 -17.76
CA ASP A 110 15.82 8.62 -18.78
C ASP A 110 16.43 7.38 -18.09
N LYS A 111 16.85 6.39 -18.89
CA LYS A 111 17.42 5.13 -18.38
C LYS A 111 18.75 5.32 -17.62
N GLU A 112 19.63 6.21 -18.12
CA GLU A 112 20.94 6.45 -17.47
C GLU A 112 20.80 7.10 -16.08
N SER A 113 19.82 8.01 -15.88
CA SER A 113 19.61 8.66 -14.58
C SER A 113 19.09 7.64 -13.54
N LEU A 114 18.25 6.68 -13.98
CA LEU A 114 17.70 5.63 -13.11
C LEU A 114 18.81 4.69 -12.64
N LEU A 115 19.69 4.25 -13.55
CA LEU A 115 20.81 3.35 -13.21
C LEU A 115 21.80 4.02 -12.24
N ARG A 116 21.99 5.35 -12.36
CA ARG A 116 22.91 6.10 -11.48
C ARG A 116 22.38 6.16 -10.05
N GLU A 117 21.05 6.36 -9.87
CA GLU A 117 20.44 6.39 -8.54
C GLU A 117 20.40 4.98 -7.94
N VAL A 118 20.12 3.95 -8.76
CA VAL A 118 20.11 2.55 -8.33
C VAL A 118 21.48 2.19 -7.73
N GLN A 119 22.55 2.51 -8.48
CA GLN A 119 23.94 2.24 -8.08
C GLN A 119 24.26 2.89 -6.73
N LEU A 120 23.84 4.16 -6.54
CA LEU A 120 24.05 4.88 -5.28
C LEU A 120 23.28 4.19 -4.14
N LEU A 121 21.97 3.93 -4.34
CA LEU A 121 21.11 3.27 -3.34
C LEU A 121 21.67 1.91 -2.87
N LYS A 122 22.32 1.13 -3.76
CA LYS A 122 22.88 -0.18 -3.40
C LYS A 122 24.07 -0.05 -2.41
N GLN A 123 24.78 1.09 -2.42
CA GLN A 123 25.93 1.32 -1.55
C GLN A 123 25.53 1.99 -0.23
N LEU A 124 24.31 2.55 -0.11
CA LEU A 124 23.85 3.18 1.13
C LEU A 124 23.45 2.14 2.17
N ASP A 125 23.66 2.46 3.46
CA ASP A 125 23.33 1.57 4.57
C ASP A 125 22.97 2.35 5.84
N HIS A 126 21.77 2.11 6.38
CA HIS A 126 21.31 2.74 7.63
C HIS A 126 20.31 1.80 8.31
N PRO A 127 20.30 1.67 9.66
CA PRO A 127 19.36 0.75 10.30
C PRO A 127 17.88 1.07 10.08
N ASN A 128 17.51 2.32 9.68
CA ASN A 128 16.11 2.66 9.45
C ASN A 128 15.75 2.83 7.96
N ILE A 129 16.58 2.28 7.05
CA ILE A 129 16.32 2.34 5.62
C ILE A 129 16.34 0.92 5.06
N MET A 130 15.34 0.57 4.24
CA MET A 130 15.27 -0.75 3.63
C MET A 130 16.42 -0.89 2.61
N LYS A 131 17.19 -1.97 2.73
CA LYS A 131 18.35 -2.21 1.87
C LYS A 131 17.92 -2.71 0.49
N LEU A 132 18.41 -2.06 -0.58
CA LEU A 132 18.20 -2.47 -1.96
C LEU A 132 19.43 -3.30 -2.34
N TYR A 133 19.27 -4.61 -2.55
CA TYR A 133 20.38 -5.49 -2.88
C TYR A 133 20.70 -5.45 -4.37
N GLU A 134 19.69 -5.73 -5.20
CA GLU A 134 19.84 -5.82 -6.65
C GLU A 134 18.77 -5.05 -7.40
N PHE A 135 18.98 -4.92 -8.70
CA PHE A 135 18.07 -4.27 -9.62
C PHE A 135 18.14 -4.96 -10.98
N PHE A 136 16.99 -5.41 -11.52
CA PHE A 136 16.93 -6.08 -12.81
C PHE A 136 15.91 -5.38 -13.70
N GLU A 137 16.08 -5.52 -15.01
CA GLU A 137 15.20 -4.93 -16.00
C GLU A 137 15.09 -5.87 -17.19
N ASP A 138 13.85 -6.19 -17.61
CA ASP A 138 13.61 -7.02 -18.80
C ASP A 138 12.75 -6.17 -19.77
N LYS A 139 12.25 -6.78 -20.85
CA LYS A 139 11.47 -6.08 -21.88
C LYS A 139 10.30 -5.23 -21.33
N GLY A 140 9.57 -5.76 -20.33
CA GLY A 140 8.39 -5.10 -19.79
C GLY A 140 8.30 -4.88 -18.29
N TYR A 141 9.39 -5.12 -17.53
CA TYR A 141 9.34 -4.98 -16.05
C TYR A 141 10.67 -4.52 -15.45
N PHE A 142 10.57 -3.94 -14.24
CA PHE A 142 11.71 -3.53 -13.41
C PHE A 142 11.55 -4.32 -12.11
N TYR A 143 12.63 -4.95 -11.60
CA TYR A 143 12.59 -5.74 -10.35
C TYR A 143 13.54 -5.14 -9.34
N LEU A 144 12.99 -4.66 -8.21
CA LEU A 144 13.78 -4.05 -7.14
C LEU A 144 13.88 -5.06 -6.01
N VAL A 145 15.05 -5.69 -5.86
CA VAL A 145 15.28 -6.75 -4.88
C VAL A 145 15.87 -6.17 -3.61
N GLY A 146 15.18 -6.38 -2.48
CA GLY A 146 15.64 -5.93 -1.18
C GLY A 146 15.37 -6.91 -0.05
N GLU A 147 15.70 -6.49 1.18
CA GLU A 147 15.55 -7.34 2.37
C GLU A 147 14.08 -7.51 2.77
N VAL A 148 13.76 -8.66 3.42
CA VAL A 148 12.40 -8.96 3.87
CA VAL A 148 12.41 -9.02 3.89
C VAL A 148 12.25 -8.56 5.33
N TYR A 149 11.08 -7.99 5.68
CA TYR A 149 10.75 -7.57 7.04
C TYR A 149 9.35 -8.12 7.32
N THR A 150 9.21 -8.88 8.42
CA THR A 150 7.97 -9.60 8.77
C THR A 150 7.14 -8.91 9.86
N GLY A 151 7.61 -7.80 10.42
CA GLY A 151 6.90 -7.10 11.49
C GLY A 151 5.62 -6.38 11.10
N GLY A 152 5.39 -6.20 9.79
CA GLY A 152 4.20 -5.54 9.29
C GLY A 152 4.29 -4.02 9.33
N GLU A 153 3.18 -3.34 9.02
CA GLU A 153 3.14 -1.87 9.01
C GLU A 153 3.12 -1.34 10.45
N LEU A 154 3.81 -0.20 10.69
CA LEU A 154 3.90 0.44 12.02
C LEU A 154 2.53 0.60 12.69
N PHE A 155 1.56 1.20 11.98
CA PHE A 155 0.22 1.48 12.52
C PHE A 155 -0.54 0.19 12.89
N ASP A 156 -0.30 -0.96 12.21
CA ASP A 156 -0.97 -2.22 12.56
C ASP A 156 -0.51 -2.72 13.94
N GLU A 157 0.75 -2.44 14.33
CA GLU A 157 1.28 -2.83 15.64
C GLU A 157 0.76 -1.88 16.74
N ILE A 158 0.56 -0.59 16.43
CA ILE A 158 0.08 0.40 17.40
C ILE A 158 -1.40 0.13 17.78
N ILE A 159 -2.23 -0.34 16.83
CA ILE A 159 -3.65 -0.59 17.11
C ILE A 159 -3.84 -1.84 18.00
N SER A 160 -2.87 -2.77 18.01
CA SER A 160 -2.98 -4.00 18.80
C SER A 160 -2.69 -3.74 20.29
N ARG A 161 -1.68 -2.91 20.60
CA ARG A 161 -1.30 -2.62 22.00
C ARG A 161 -2.36 -1.74 22.69
N LYS A 162 -2.43 -1.82 24.03
CA LYS A 162 -3.39 -1.08 24.86
C LYS A 162 -2.81 0.24 25.38
N ARG A 163 -1.48 0.34 25.56
CA ARG A 163 -0.82 1.55 26.07
C ARG A 163 0.08 2.18 24.99
N PHE A 164 -0.05 3.50 24.77
CA PHE A 164 0.75 4.26 23.78
C PHE A 164 0.93 5.67 24.33
N SER A 165 2.19 6.09 24.56
CA SER A 165 2.52 7.41 25.12
C SER A 165 3.46 8.18 24.20
N GLU A 166 3.80 9.43 24.60
CA GLU A 166 4.73 10.29 23.86
C GLU A 166 6.13 9.69 23.76
N VAL A 167 6.53 8.85 24.74
CA VAL A 167 7.83 8.17 24.72
C VAL A 167 7.87 7.20 23.53
N ASP A 168 6.75 6.48 23.27
CA ASP A 168 6.65 5.56 22.14
C ASP A 168 6.63 6.34 20.82
N ALA A 169 5.88 7.47 20.78
CA ALA A 169 5.81 8.33 19.59
C ALA A 169 7.18 8.96 19.29
N ALA A 170 7.89 9.42 20.33
CA ALA A 170 9.22 10.03 20.17
C ALA A 170 10.23 8.99 19.71
N ARG A 171 10.15 7.75 20.22
CA ARG A 171 11.04 6.66 19.81
C ARG A 171 10.79 6.28 18.33
N ILE A 172 9.52 6.34 17.88
CA ILE A 172 9.15 6.07 16.49
C ILE A 172 9.70 7.16 15.56
N ILE A 173 9.39 8.44 15.87
CA ILE A 173 9.78 9.56 15.02
C ILE A 173 11.31 9.75 15.03
N ARG A 174 12.02 9.44 16.14
CA ARG A 174 13.48 9.55 16.16
C ARG A 174 14.11 8.61 15.12
N GLN A 175 13.52 7.41 14.95
CA GLN A 175 13.97 6.43 13.97
C GLN A 175 13.67 6.90 12.55
N VAL A 176 12.46 7.41 12.32
CA VAL A 176 12.05 7.91 11.01
C VAL A 176 12.97 9.08 10.61
N LEU A 177 13.23 10.01 11.54
CA LEU A 177 14.10 11.16 11.29
C LEU A 177 15.56 10.75 11.09
N SER A 178 16.06 9.72 11.80
CA SER A 178 17.44 9.24 11.64
C SER A 178 17.65 8.74 10.21
N GLY A 179 16.70 7.94 9.72
CA GLY A 179 16.72 7.43 8.35
C GLY A 179 16.62 8.53 7.32
N ILE A 180 15.68 9.47 7.52
CA ILE A 180 15.48 10.60 6.59
C ILE A 180 16.75 11.48 6.55
N THR A 181 17.31 11.84 7.73
CA THR A 181 18.51 12.69 7.82
C THR A 181 19.65 12.06 7.02
N TYR A 182 19.85 10.75 7.19
CA TYR A 182 20.90 10.00 6.49
C TYR A 182 20.66 10.02 4.97
N MET A 183 19.41 9.80 4.51
CA MET A 183 19.10 9.81 3.08
C MET A 183 19.20 11.21 2.47
N HIS A 184 18.86 12.26 3.25
CA HIS A 184 18.97 13.65 2.79
C HIS A 184 20.43 14.06 2.59
N LYS A 185 21.35 13.56 3.45
CA LYS A 185 22.78 13.83 3.31
C LYS A 185 23.33 13.23 2.00
N ASN A 186 22.70 12.13 1.50
CA ASN A 186 23.09 11.47 0.25
C ASN A 186 22.23 11.96 -0.96
N LYS A 187 21.51 13.11 -0.83
CA LYS A 187 20.70 13.76 -1.88
C LYS A 187 19.51 12.90 -2.36
N ILE A 188 18.98 12.01 -1.50
CA ILE A 188 17.83 11.18 -1.85
C ILE A 188 16.61 11.68 -1.07
N VAL A 189 15.52 11.98 -1.79
CA VAL A 189 14.25 12.44 -1.23
C VAL A 189 13.24 11.31 -1.38
N HIS A 190 12.35 11.11 -0.40
CA HIS A 190 11.32 10.07 -0.50
C HIS A 190 10.16 10.62 -1.32
N ARG A 191 9.56 11.75 -0.89
CA ARG A 191 8.45 12.45 -1.57
C ARG A 191 7.07 11.82 -1.22
N ASP A 192 6.97 10.48 -1.09
CA ASP A 192 5.70 9.80 -0.80
C ASP A 192 5.74 9.10 0.56
N LEU A 193 6.33 9.75 1.57
CA LEU A 193 6.43 9.14 2.90
C LEU A 193 5.04 9.10 3.56
N LYS A 194 4.67 7.92 4.06
CA LYS A 194 3.37 7.67 4.69
C LYS A 194 3.48 6.46 5.63
N PRO A 195 2.53 6.25 6.57
CA PRO A 195 2.64 5.10 7.50
C PRO A 195 2.83 3.74 6.83
N GLU A 196 2.20 3.53 5.64
CA GLU A 196 2.31 2.30 4.86
C GLU A 196 3.79 1.98 4.51
N ASN A 197 4.63 3.02 4.35
CA ASN A 197 6.04 2.83 4.02
C ASN A 197 6.93 2.65 5.27
N LEU A 198 6.35 2.60 6.48
CA LEU A 198 7.10 2.37 7.72
C LEU A 198 6.82 0.93 8.15
N LEU A 199 7.80 0.03 7.93
CA LEU A 199 7.67 -1.38 8.29
C LEU A 199 8.54 -1.69 9.48
N LEU A 200 8.12 -2.66 10.30
CA LEU A 200 8.87 -3.08 11.48
C LEU A 200 9.76 -4.27 11.09
N GLU A 201 11.05 -4.22 11.47
CA GLU A 201 12.04 -5.24 11.09
C GLU A 201 11.68 -6.65 11.57
N SER A 202 10.98 -6.79 12.71
CA SER A 202 10.58 -8.09 13.24
C SER A 202 9.24 -8.01 13.98
N LYS A 203 8.64 -9.18 14.27
CA LYS A 203 7.35 -9.24 14.97
C LYS A 203 7.59 -9.07 16.48
N SER A 204 7.77 -7.80 16.91
CA SER A 204 8.02 -7.45 18.31
C SER A 204 7.63 -5.99 18.60
N LYS A 205 7.50 -5.64 19.89
CA LYS A 205 7.15 -4.27 20.32
C LYS A 205 8.39 -3.36 20.32
N ASP A 206 9.60 -3.93 20.56
CA ASP A 206 10.86 -3.18 20.59
C ASP A 206 11.71 -3.51 19.34
N ALA A 207 11.08 -3.44 18.15
CA ALA A 207 11.74 -3.72 16.87
C ALA A 207 12.03 -2.43 16.10
N ASN A 208 13.08 -2.44 15.28
CA ASN A 208 13.48 -1.27 14.50
C ASN A 208 12.51 -1.02 13.33
N ILE A 209 12.36 0.26 12.95
CA ILE A 209 11.52 0.68 11.83
C ILE A 209 12.42 0.75 10.60
N ARG A 210 11.90 0.34 9.44
CA ARG A 210 12.62 0.37 8.16
C ARG A 210 11.75 1.10 7.15
N ILE A 211 12.24 2.22 6.59
CA ILE A 211 11.49 3.00 5.61
C ILE A 211 11.69 2.36 4.23
N ILE A 212 10.58 2.06 3.52
CA ILE A 212 10.63 1.47 2.18
C ILE A 212 10.31 2.53 1.12
N ASP A 213 10.67 2.24 -0.15
CA ASP A 213 10.47 3.09 -1.34
C ASP A 213 11.23 4.43 -1.25
N PHE A 214 12.37 4.48 -0.55
CA PHE A 214 13.15 5.71 -0.44
C PHE A 214 13.99 5.91 -1.73
N GLY A 215 13.49 6.78 -2.62
CA GLY A 215 14.17 7.13 -3.86
C GLY A 215 13.46 6.77 -5.16
N LEU A 216 12.26 6.15 -5.10
CA LEU A 216 11.53 5.76 -6.32
C LEU A 216 10.87 6.95 -7.00
N SER A 217 10.08 7.72 -6.23
CA SER A 217 9.30 8.89 -6.66
C SER A 217 9.92 9.68 -7.83
N THR A 218 11.22 10.00 -7.73
CA THR A 218 11.94 10.80 -8.71
C THR A 218 12.02 10.18 -10.12
N HIS A 219 11.96 8.84 -10.25
CA HIS A 219 12.11 8.16 -11.54
C HIS A 219 10.83 7.48 -12.06
N PHE A 220 9.76 7.35 -11.25
CA PHE A 220 8.54 6.69 -11.71
C PHE A 220 7.32 7.60 -11.52
N GLU A 221 6.44 7.66 -12.54
CA GLU A 221 5.23 8.49 -12.51
C GLU A 221 4.21 7.91 -11.53
N ALA A 222 3.54 8.79 -10.76
CA ALA A 222 2.55 8.37 -9.78
C ALA A 222 1.30 7.83 -10.48
N SER A 223 0.67 6.81 -9.88
CA SER A 223 -0.54 6.19 -10.44
C SER A 223 -1.73 7.13 -10.35
N LYS A 224 -2.65 7.03 -11.33
CA LYS A 224 -3.87 7.83 -11.38
C LYS A 224 -5.09 6.99 -10.91
N LYS A 225 -4.88 5.69 -10.58
CA LYS A 225 -5.95 4.78 -10.15
C LYS A 225 -6.13 4.91 -8.64
N MET A 226 -7.38 5.20 -8.18
CA MET A 226 -7.70 5.41 -6.77
C MET A 226 -7.29 4.25 -5.86
N LYS A 227 -7.31 3.00 -6.36
CA LYS A 227 -6.87 1.83 -5.58
C LYS A 227 -5.39 1.97 -5.12
N ASP A 228 -4.57 2.75 -5.87
CA ASP A 228 -3.15 2.97 -5.55
C ASP A 228 -2.91 4.35 -4.86
N LYS A 229 -3.80 5.36 -5.08
CA LYS A 229 -3.65 6.69 -4.45
C LYS A 229 -4.30 6.75 -3.05
N ILE A 230 -4.99 5.68 -2.60
CA ILE A 230 -5.68 5.68 -1.30
C ILE A 230 -4.71 6.03 -0.14
N GLY A 231 -5.11 7.02 0.66
CA GLY A 231 -4.36 7.48 1.82
C GLY A 231 -3.13 8.31 1.56
N THR A 232 -2.87 8.75 0.32
CA THR A 232 -1.68 9.55 0.01
C THR A 232 -1.88 11.05 0.27
N ALA A 233 -3.10 11.57 0.04
CA ALA A 233 -3.42 13.00 0.17
C ALA A 233 -3.14 13.57 1.59
N TYR A 234 -3.22 12.74 2.65
CA TYR A 234 -3.00 13.26 4.00
C TYR A 234 -1.57 13.72 4.26
N TYR A 235 -0.57 13.05 3.66
CA TYR A 235 0.85 13.23 3.97
C TYR A 235 1.64 14.06 2.95
N ILE A 236 1.10 14.32 1.76
CA ILE A 236 1.82 15.04 0.71
C ILE A 236 2.07 16.51 1.13
N ALA A 237 3.30 17.02 0.89
CA ALA A 237 3.64 18.40 1.24
C ALA A 237 2.98 19.36 0.24
N PRO A 238 2.50 20.54 0.69
CA PRO A 238 1.85 21.49 -0.24
C PRO A 238 2.71 21.85 -1.46
N GLU A 239 4.03 22.01 -1.28
CA GLU A 239 4.94 22.39 -2.36
C GLU A 239 5.07 21.28 -3.41
N VAL A 240 4.83 20.01 -3.05
CA VAL A 240 4.85 18.91 -4.02
C VAL A 240 3.66 19.07 -4.97
N LEU A 241 2.50 19.53 -4.46
CA LEU A 241 1.31 19.73 -5.29
C LEU A 241 1.51 20.85 -6.32
N HIS A 242 2.28 21.91 -6.00
CA HIS A 242 2.48 23.03 -6.92
C HIS A 242 3.75 22.87 -7.82
N GLY A 243 4.57 21.84 -7.62
CA GLY A 243 5.70 21.54 -8.49
C GLY A 243 7.11 21.84 -8.02
N THR A 244 7.32 22.86 -7.17
CA THR A 244 8.66 23.21 -6.70
C THR A 244 8.85 22.62 -5.31
N TYR A 245 9.69 21.58 -5.19
CA TYR A 245 9.93 20.95 -3.90
C TYR A 245 11.36 20.42 -3.81
N ASP A 246 11.79 20.21 -2.57
CA ASP A 246 13.11 19.70 -2.23
C ASP A 246 12.93 18.69 -1.07
N GLU A 247 14.04 18.26 -0.44
CA GLU A 247 14.03 17.28 0.65
C GLU A 247 13.14 17.71 1.85
N LYS A 248 12.82 19.01 2.03
CA LYS A 248 11.96 19.46 3.14
C LYS A 248 10.55 18.85 3.09
N CYS A 249 10.09 18.36 1.92
CA CYS A 249 8.76 17.75 1.80
C CYS A 249 8.65 16.50 2.72
N ASP A 250 9.78 15.79 3.01
CA ASP A 250 9.77 14.63 3.89
C ASP A 250 9.61 14.99 5.37
N VAL A 251 10.00 16.22 5.75
CA VAL A 251 9.84 16.67 7.12
C VAL A 251 8.34 16.94 7.35
N TRP A 252 7.66 17.55 6.36
CA TRP A 252 6.21 17.80 6.43
C TRP A 252 5.47 16.49 6.63
N SER A 253 5.73 15.50 5.74
CA SER A 253 5.08 14.18 5.80
C SER A 253 5.30 13.50 7.16
N THR A 254 6.52 13.61 7.73
CA THR A 254 6.81 13.04 9.05
C THR A 254 6.02 13.81 10.12
N GLY A 255 5.89 15.13 9.95
CA GLY A 255 5.10 15.98 10.83
C GLY A 255 3.64 15.56 10.86
N VAL A 256 3.08 15.18 9.69
CA VAL A 256 1.70 14.69 9.58
C VAL A 256 1.58 13.35 10.33
N ILE A 257 2.57 12.46 10.17
CA ILE A 257 2.56 11.14 10.84
C ILE A 257 2.62 11.36 12.36
N LEU A 258 3.50 12.27 12.82
CA LEU A 258 3.62 12.61 14.26
C LEU A 258 2.27 13.16 14.79
N TYR A 259 1.60 14.05 14.02
CA TYR A 259 0.28 14.58 14.41
C TYR A 259 -0.73 13.43 14.61
N ILE A 260 -0.73 12.42 13.72
CA ILE A 260 -1.65 11.29 13.82
C ILE A 260 -1.25 10.37 14.99
N LEU A 261 0.06 10.18 15.28
CA LEU A 261 0.45 9.32 16.39
C LEU A 261 -0.06 9.84 17.74
N LEU A 262 0.01 11.16 17.96
CA LEU A 262 -0.39 11.77 19.23
C LEU A 262 -1.89 12.12 19.33
N SER A 263 -2.69 12.02 18.24
CA SER A 263 -4.14 12.31 18.31
C SER A 263 -5.04 11.28 17.59
N GLY A 264 -4.51 10.53 16.64
CA GLY A 264 -5.26 9.54 15.85
C GLY A 264 -6.12 10.12 14.74
N CYS A 265 -6.01 11.43 14.47
CA CYS A 265 -6.79 12.10 13.44
C CYS A 265 -5.84 12.86 12.51
N PRO A 266 -6.00 12.81 11.16
CA PRO A 266 -5.10 13.60 10.30
C PRO A 266 -5.26 15.12 10.50
N PRO A 267 -4.17 15.90 10.43
CA PRO A 267 -4.29 17.37 10.58
C PRO A 267 -5.09 18.00 9.45
N PHE A 268 -4.92 17.51 8.22
CA PHE A 268 -5.65 17.96 7.04
C PHE A 268 -6.56 16.82 6.62
N ASN A 269 -7.87 16.96 6.90
CA ASN A 269 -8.85 15.91 6.64
C ASN A 269 -10.02 16.44 5.80
N GLY A 270 -10.75 15.52 5.17
CA GLY A 270 -11.90 15.86 4.35
C GLY A 270 -12.72 14.63 3.99
N ALA A 271 -13.90 14.85 3.39
CA ALA A 271 -14.81 13.76 2.99
C ALA A 271 -14.37 13.06 1.69
N ASN A 272 -13.33 13.58 0.99
CA ASN A 272 -12.83 12.97 -0.25
C ASN A 272 -11.40 13.45 -0.54
N GLU A 273 -10.75 12.85 -1.54
CA GLU A 273 -9.36 13.19 -1.89
C GLU A 273 -9.17 14.68 -2.16
N TYR A 274 -10.06 15.30 -2.95
CA TYR A 274 -9.89 16.70 -3.32
C TYR A 274 -10.05 17.63 -2.11
N ASP A 275 -11.04 17.38 -1.23
CA ASP A 275 -11.24 18.19 -0.01
C ASP A 275 -10.01 18.12 0.91
N ILE A 276 -9.33 16.96 0.95
CA ILE A 276 -8.11 16.80 1.74
C ILE A 276 -6.98 17.64 1.12
N LEU A 277 -6.81 17.56 -0.21
CA LEU A 277 -5.78 18.31 -0.92
C LEU A 277 -6.01 19.82 -0.78
N LYS A 278 -7.29 20.27 -0.73
CA LYS A 278 -7.61 21.70 -0.53
C LYS A 278 -7.10 22.17 0.84
N LYS A 279 -7.30 21.34 1.88
CA LYS A 279 -6.84 21.64 3.24
C LYS A 279 -5.31 21.67 3.32
N VAL A 280 -4.65 20.72 2.64
CA VAL A 280 -3.18 20.65 2.62
C VAL A 280 -2.62 21.90 1.91
N GLU A 281 -3.18 22.25 0.75
CA GLU A 281 -2.76 23.43 -0.02
C GLU A 281 -2.92 24.72 0.82
N LYS A 282 -4.02 24.84 1.58
CA LYS A 282 -4.22 26.02 2.45
C LYS A 282 -3.21 25.98 3.62
N GLY A 283 -2.89 24.77 4.09
CA GLY A 283 -1.88 24.55 5.11
C GLY A 283 -2.27 24.89 6.53
N LYS A 284 -3.56 25.17 6.79
CA LYS A 284 -4.02 25.54 8.13
C LYS A 284 -4.57 24.31 8.86
N TYR A 285 -4.23 24.20 10.15
CA TYR A 285 -4.69 23.11 11.02
C TYR A 285 -4.72 23.64 12.45
N THR A 286 -5.25 22.84 13.40
CA THR A 286 -5.34 23.26 14.80
C THR A 286 -5.09 22.11 15.76
N PHE A 287 -4.77 22.44 17.02
CA PHE A 287 -4.63 21.49 18.13
C PHE A 287 -5.87 21.73 19.03
N GLU A 288 -7.07 21.79 18.41
CA GLU A 288 -8.33 22.12 19.09
C GLU A 288 -9.19 20.89 19.43
N LEU A 289 -8.62 19.67 19.37
CA LEU A 289 -9.36 18.44 19.71
C LEU A 289 -9.09 18.14 21.20
N PRO A 290 -10.06 17.55 21.94
CA PRO A 290 -9.85 17.30 23.38
C PRO A 290 -8.56 16.54 23.73
N GLN A 291 -8.21 15.51 22.95
CA GLN A 291 -7.03 14.66 23.17
C GLN A 291 -5.68 15.42 23.16
N TRP A 292 -5.60 16.63 22.56
CA TRP A 292 -4.35 17.41 22.56
C TRP A 292 -4.05 18.05 23.93
N LYS A 293 -5.03 18.11 24.86
CA LYS A 293 -4.82 18.67 26.20
C LYS A 293 -3.83 17.83 27.02
N LYS A 294 -3.85 16.49 26.85
CA LYS A 294 -2.95 15.57 27.57
C LYS A 294 -1.55 15.44 26.90
N VAL A 295 -1.30 16.16 25.78
CA VAL A 295 -0.01 16.12 25.07
C VAL A 295 0.83 17.35 25.49
N SER A 296 2.17 17.20 25.52
CA SER A 296 3.10 18.25 25.95
C SER A 296 3.17 19.41 24.96
N GLU A 297 3.77 20.52 25.40
CA GLU A 297 3.93 21.73 24.59
C GLU A 297 5.12 21.58 23.62
N SER A 298 6.16 20.82 24.00
CA SER A 298 7.33 20.60 23.13
C SER A 298 6.95 19.73 21.92
N ALA A 299 6.01 18.77 22.10
CA ALA A 299 5.54 17.91 20.99
C ALA A 299 4.81 18.79 19.97
N LYS A 300 3.98 19.72 20.45
CA LYS A 300 3.23 20.66 19.61
C LYS A 300 4.19 21.61 18.90
N ASP A 301 5.26 22.05 19.59
CA ASP A 301 6.28 22.94 19.01
C ASP A 301 7.01 22.27 17.84
N LEU A 302 7.37 20.97 17.99
CA LEU A 302 8.03 20.24 16.92
C LEU A 302 7.09 20.09 15.71
N ILE A 303 5.80 19.80 15.96
CA ILE A 303 4.81 19.67 14.88
C ILE A 303 4.67 21.02 14.15
N ARG A 304 4.64 22.14 14.89
CA ARG A 304 4.53 23.48 14.29
C ARG A 304 5.73 23.77 13.38
N LYS A 305 6.93 23.34 13.81
CA LYS A 305 8.14 23.55 13.03
C LYS A 305 8.20 22.60 11.82
N MET A 306 7.68 21.36 11.98
CA MET A 306 7.65 20.39 10.88
C MET A 306 6.54 20.73 9.86
N LEU A 307 5.40 21.28 10.32
CA LEU A 307 4.29 21.64 9.44
C LEU A 307 4.32 23.16 9.10
N THR A 308 5.51 23.75 8.92
CA THR A 308 5.64 25.15 8.51
C THR A 308 5.43 25.15 7.00
N TYR A 309 4.61 26.07 6.50
CA TYR A 309 4.25 26.11 5.08
C TYR A 309 5.45 26.36 4.18
N VAL A 310 6.19 27.46 4.40
CA VAL A 310 7.33 27.82 3.54
C VAL A 310 8.49 26.83 3.82
N PRO A 311 8.92 26.03 2.83
CA PRO A 311 9.96 25.01 3.10
C PRO A 311 11.30 25.56 3.61
N SER A 312 11.73 26.77 3.18
CA SER A 312 12.98 27.35 3.67
C SER A 312 12.89 27.66 5.18
N MET A 313 11.68 27.97 5.70
CA MET A 313 11.45 28.26 7.12
C MET A 313 11.24 26.97 7.93
N ARG A 314 10.77 25.89 7.28
CA ARG A 314 10.53 24.59 7.91
C ARG A 314 11.82 23.99 8.41
N ILE A 315 11.75 23.33 9.59
CA ILE A 315 12.92 22.68 10.21
C ILE A 315 13.43 21.54 9.34
N SER A 316 14.74 21.27 9.41
CA SER A 316 15.34 20.18 8.65
C SER A 316 15.16 18.88 9.42
N ALA A 317 15.39 17.73 8.77
CA ALA A 317 15.31 16.42 9.45
C ALA A 317 16.39 16.33 10.53
N ARG A 318 17.58 16.92 10.26
CA ARG A 318 18.73 16.93 11.18
C ARG A 318 18.39 17.72 12.45
N ASP A 319 17.87 18.95 12.29
CA ASP A 319 17.52 19.81 13.41
C ASP A 319 16.31 19.26 14.19
N ALA A 320 15.44 18.46 13.55
CA ALA A 320 14.28 17.85 14.22
C ALA A 320 14.73 16.80 15.25
N LEU A 321 15.90 16.14 15.04
CA LEU A 321 16.46 15.18 16.02
C LEU A 321 16.98 15.92 17.26
N ASP A 322 17.59 17.12 17.08
CA ASP A 322 18.10 17.92 18.20
C ASP A 322 16.99 18.66 18.97
N HIS A 323 15.73 18.63 18.50
CA HIS A 323 14.61 19.30 19.17
C HIS A 323 14.41 18.73 20.59
N GLU A 324 13.99 19.60 21.52
CA GLU A 324 13.78 19.26 22.93
C GLU A 324 12.88 18.03 23.12
N TRP A 325 11.80 17.89 22.34
CA TRP A 325 10.88 16.75 22.45
C TRP A 325 11.59 15.43 22.16
N ILE A 326 12.42 15.37 21.11
CA ILE A 326 13.16 14.15 20.79
C ILE A 326 14.23 13.90 21.87
N GLN A 327 15.00 14.94 22.25
CA GLN A 327 16.06 14.80 23.26
C GLN A 327 15.53 14.42 24.66
N THR A 328 14.35 14.94 25.06
CA THR A 328 13.79 14.67 26.39
C THR A 328 13.05 13.32 26.47
N TYR A 329 12.22 12.98 25.46
CA TYR A 329 11.38 11.77 25.51
C TYR A 329 12.10 10.49 25.00
N THR A 330 13.34 10.57 24.47
CA THR A 330 14.10 9.36 24.05
C THR A 330 15.23 9.05 25.05
N LYS A 331 15.70 10.04 25.84
CA LYS A 331 16.77 9.81 26.83
C LYS A 331 16.24 9.07 28.05
N VAL A 338 4.41 10.80 32.03
CA VAL A 338 4.23 10.12 30.76
C VAL A 338 2.87 9.37 30.76
N PRO A 339 1.75 10.10 30.53
CA PRO A 339 0.44 9.44 30.54
C PRO A 339 0.14 8.71 29.22
N SER A 340 -0.75 7.69 29.30
CA SER A 340 -1.14 6.92 28.12
C SER A 340 -2.16 7.70 27.31
N LEU A 341 -1.94 7.81 25.99
CA LEU A 341 -2.83 8.52 25.08
C LEU A 341 -3.89 7.53 24.59
N ASP A 342 -4.88 7.23 25.45
CA ASP A 342 -5.95 6.27 25.16
C ASP A 342 -6.88 6.75 24.04
N ASN A 343 -7.26 8.04 24.06
CA ASN A 343 -8.13 8.61 23.02
C ASN A 343 -7.46 8.53 21.64
N ALA A 344 -6.12 8.70 21.57
CA ALA A 344 -5.37 8.62 20.32
C ALA A 344 -5.36 7.20 19.75
N ILE A 345 -5.26 6.16 20.61
CA ILE A 345 -5.26 4.75 20.17
C ILE A 345 -6.59 4.42 19.49
N LEU A 346 -7.70 4.80 20.13
CA LEU A 346 -9.06 4.54 19.62
C LEU A 346 -9.27 5.18 18.24
N ASN A 347 -8.74 6.39 18.02
CA ASN A 347 -8.88 7.08 16.75
C ASN A 347 -7.93 6.48 15.69
N ILE A 348 -6.71 5.97 16.08
CA ILE A 348 -5.82 5.30 15.11
C ILE A 348 -6.49 3.98 14.69
N ARG A 349 -7.12 3.25 15.65
CA ARG A 349 -7.86 2.00 15.38
C ARG A 349 -8.95 2.27 14.35
N GLN A 350 -9.78 3.30 14.61
CA GLN A 350 -10.85 3.70 13.70
C GLN A 350 -10.27 4.12 12.35
N PHE A 351 -9.22 4.96 12.35
CA PHE A 351 -8.56 5.44 11.13
C PHE A 351 -7.99 4.28 10.30
N GLN A 352 -7.22 3.38 10.93
CA GLN A 352 -6.60 2.25 10.22
C GLN A 352 -7.66 1.32 9.65
N GLY A 353 -8.71 1.02 10.42
CA GLY A 353 -9.81 0.19 9.97
C GLY A 353 -10.56 0.80 8.80
N THR A 354 -10.77 2.13 8.81
CA THR A 354 -11.46 2.84 7.74
C THR A 354 -10.65 2.82 6.45
N GLN A 355 -9.33 3.07 6.55
CA GLN A 355 -8.42 3.07 5.40
C GLN A 355 -8.31 1.66 4.79
N LYS A 356 -8.21 0.62 5.63
CA LYS A 356 -8.05 -0.75 5.16
C LYS A 356 -9.34 -1.30 4.52
N LEU A 357 -10.54 -0.87 4.99
CA LEU A 357 -11.80 -1.32 4.38
C LEU A 357 -11.98 -0.64 3.03
N ALA A 358 -11.67 0.66 2.93
CA ALA A 358 -11.74 1.42 1.68
C ALA A 358 -10.80 0.80 0.63
N GLN A 359 -9.57 0.44 1.03
CA GLN A 359 -8.58 -0.22 0.16
C GLN A 359 -9.10 -1.59 -0.29
N ALA A 360 -9.58 -2.41 0.66
CA ALA A 360 -10.10 -3.74 0.36
C ALA A 360 -11.30 -3.68 -0.60
N ALA A 361 -12.16 -2.65 -0.45
CA ALA A 361 -13.32 -2.46 -1.34
C ALA A 361 -12.87 -2.15 -2.76
N LEU A 362 -11.87 -1.26 -2.92
CA LEU A 362 -11.35 -0.89 -4.24
C LEU A 362 -10.63 -2.09 -4.91
N LEU A 363 -9.85 -2.87 -4.14
CA LEU A 363 -9.15 -4.05 -4.68
C LEU A 363 -10.13 -5.17 -5.03
N TYR A 364 -11.23 -5.29 -4.26
CA TYR A 364 -12.27 -6.29 -4.54
C TYR A 364 -12.95 -6.00 -5.89
N MET A 365 -13.27 -4.72 -6.15
CA MET A 365 -13.89 -4.30 -7.42
C MET A 365 -12.92 -4.52 -8.59
N GLY A 366 -11.65 -4.16 -8.39
CA GLY A 366 -10.60 -4.35 -9.38
C GLY A 366 -10.37 -5.81 -9.72
N SER A 367 -10.38 -6.69 -8.69
CA SER A 367 -10.21 -8.13 -8.90
C SER A 367 -11.43 -8.74 -9.61
N LYS A 368 -12.63 -8.19 -9.37
CA LYS A 368 -13.85 -8.67 -10.04
C LYS A 368 -13.81 -8.29 -11.53
N LEU A 369 -13.30 -7.08 -11.86
CA LEU A 369 -13.16 -6.65 -13.26
C LEU A 369 -12.04 -7.43 -13.95
N THR A 370 -10.91 -7.66 -13.25
CA THR A 370 -9.77 -8.44 -13.78
C THR A 370 -10.21 -9.88 -14.06
N SER A 371 -11.04 -10.46 -13.17
CA SER A 371 -11.56 -11.81 -13.31
C SER A 371 -12.44 -11.93 -14.56
N GLN A 372 -13.35 -10.96 -14.79
CA GLN A 372 -14.24 -10.93 -15.97
C GLN A 372 -13.43 -10.90 -17.27
N ASP A 373 -12.39 -10.05 -17.32
CA ASP A 373 -11.49 -9.91 -18.49
C ASP A 373 -10.78 -11.23 -18.77
N GLU A 374 -10.13 -11.80 -17.75
CA GLU A 374 -9.38 -13.06 -17.88
C GLU A 374 -10.30 -14.27 -18.10
N THR A 375 -11.55 -14.26 -17.56
CA THR A 375 -12.50 -15.37 -17.73
C THR A 375 -12.84 -15.52 -19.21
N LYS A 376 -13.21 -14.42 -19.88
CA LYS A 376 -13.56 -14.43 -21.30
C LYS A 376 -12.32 -14.66 -22.18
N GLU A 377 -11.17 -14.05 -21.83
CA GLU A 377 -9.93 -14.19 -22.60
C GLU A 377 -9.43 -15.65 -22.58
N LEU A 378 -9.49 -16.31 -21.41
CA LEU A 378 -9.05 -17.71 -21.27
C LEU A 378 -10.05 -18.65 -21.97
N THR A 379 -11.36 -18.30 -22.00
CA THR A 379 -12.39 -19.10 -22.69
C THR A 379 -12.14 -19.04 -24.21
N ALA A 380 -11.79 -17.86 -24.75
CA ALA A 380 -11.52 -17.68 -26.18
C ALA A 380 -10.26 -18.44 -26.60
N ILE A 381 -9.22 -18.47 -25.73
CA ILE A 381 -7.98 -19.20 -26.00
C ILE A 381 -8.27 -20.72 -26.02
N PHE A 382 -9.01 -21.23 -25.01
CA PHE A 382 -9.34 -22.65 -24.94
C PHE A 382 -10.35 -23.07 -26.03
N HIS A 383 -11.27 -22.17 -26.46
CA HIS A 383 -12.25 -22.49 -27.50
C HIS A 383 -11.54 -22.70 -28.85
N LYS A 384 -10.51 -21.87 -29.15
CA LYS A 384 -9.74 -22.01 -30.39
C LYS A 384 -8.87 -23.28 -30.36
N MET A 385 -8.34 -23.63 -29.17
CA MET A 385 -7.52 -24.84 -29.00
C MET A 385 -8.36 -26.13 -29.07
N ASP A 386 -9.69 -26.05 -28.83
CA ASP A 386 -10.57 -27.22 -28.90
C ASP A 386 -10.72 -27.61 -30.38
N LYS A 387 -10.05 -28.70 -30.80
CA LYS A 387 -10.03 -29.14 -32.20
C LYS A 387 -11.39 -29.72 -32.63
N ASN A 388 -11.91 -30.74 -31.91
CA ASN A 388 -13.16 -31.39 -32.29
C ASN A 388 -14.39 -30.58 -31.84
N GLY A 389 -14.35 -30.01 -30.64
CA GLY A 389 -15.44 -29.19 -30.09
C GLY A 389 -16.31 -29.89 -29.06
N ASP A 390 -15.71 -30.74 -28.20
CA ASP A 390 -16.44 -31.44 -27.12
C ASP A 390 -16.37 -30.67 -25.78
N GLY A 391 -15.61 -29.58 -25.75
CA GLY A 391 -15.44 -28.76 -24.55
C GLY A 391 -14.38 -29.28 -23.59
N GLN A 392 -13.56 -30.27 -24.02
CA GLN A 392 -12.52 -30.88 -23.18
C GLN A 392 -11.13 -30.68 -23.80
N LEU A 393 -10.09 -30.73 -22.95
CA LEU A 393 -8.70 -30.58 -23.36
C LEU A 393 -7.76 -31.34 -22.41
N ASP A 394 -6.53 -31.63 -22.86
CA ASP A 394 -5.56 -32.35 -22.03
C ASP A 394 -4.91 -31.37 -21.04
N ARG A 395 -4.19 -31.90 -20.04
CA ARG A 395 -3.49 -31.08 -19.05
C ARG A 395 -2.38 -30.25 -19.73
N ALA A 396 -1.67 -30.86 -20.70
CA ALA A 396 -0.60 -30.20 -21.46
C ALA A 396 -1.15 -29.07 -22.33
N GLU A 397 -2.38 -29.22 -22.87
CA GLU A 397 -3.01 -28.17 -23.68
C GLU A 397 -3.40 -26.97 -22.82
N LEU A 398 -4.03 -27.22 -21.65
CA LEU A 398 -4.43 -26.15 -20.72
C LEU A 398 -3.24 -25.26 -20.32
N ILE A 399 -2.03 -25.87 -20.16
CA ILE A 399 -0.82 -25.12 -19.82
C ILE A 399 -0.45 -24.17 -20.97
N GLU A 400 -0.54 -24.65 -22.24
CA GLU A 400 -0.23 -23.83 -23.43
C GLU A 400 -1.19 -22.61 -23.49
N GLY A 401 -2.46 -22.83 -23.18
CA GLY A 401 -3.47 -21.77 -23.17
C GLY A 401 -3.31 -20.79 -22.02
N TYR A 402 -2.92 -21.28 -20.83
CA TYR A 402 -2.68 -20.42 -19.67
C TYR A 402 -1.42 -19.58 -19.91
N LYS A 403 -0.38 -20.18 -20.52
CA LYS A 403 0.85 -19.45 -20.88
C LYS A 403 0.54 -18.38 -21.94
N GLU A 404 -0.43 -18.66 -22.84
CA GLU A 404 -0.87 -17.72 -23.87
C GLU A 404 -1.57 -16.50 -23.23
N LEU A 405 -2.31 -16.71 -22.12
CA LEU A 405 -2.97 -15.63 -21.39
C LEU A 405 -1.94 -14.65 -20.84
N MET A 406 -0.81 -15.16 -20.30
CA MET A 406 0.27 -14.30 -19.80
C MET A 406 1.05 -13.70 -20.98
N ARG A 407 1.22 -14.44 -22.09
CA ARG A 407 1.92 -13.93 -23.28
C ARG A 407 1.13 -12.79 -23.95
N MET A 408 -0.22 -12.79 -23.82
CA MET A 408 -1.08 -11.75 -24.41
C MET A 408 -1.42 -10.64 -23.40
N LYS A 409 -1.73 -11.01 -22.13
CA LYS A 409 -2.12 -10.04 -21.09
C LYS A 409 -1.02 -9.84 -19.99
N GLY A 410 0.25 -9.94 -20.37
CA GLY A 410 1.36 -9.68 -19.47
C GLY A 410 1.71 -10.76 -18.47
N GLN A 411 3.00 -10.83 -18.08
CA GLN A 411 3.48 -11.81 -17.10
C GLN A 411 2.89 -11.52 -15.72
N ASP A 412 2.31 -12.54 -15.06
CA ASP A 412 1.68 -12.35 -13.74
C ASP A 412 2.74 -12.14 -12.66
N ALA A 413 2.37 -11.43 -11.59
CA ALA A 413 3.28 -11.15 -10.47
C ALA A 413 3.61 -12.42 -9.70
N SER A 414 2.60 -13.31 -9.50
CA SER A 414 2.80 -14.59 -8.81
C SER A 414 3.53 -15.58 -9.73
N MET A 415 3.07 -15.71 -10.99
CA MET A 415 3.68 -16.61 -11.97
C MET A 415 4.89 -15.92 -12.63
N LEU A 416 6.08 -16.10 -12.03
CA LEU A 416 7.32 -15.47 -12.50
C LEU A 416 7.87 -16.13 -13.78
N ASP A 417 7.83 -17.47 -13.86
CA ASP A 417 8.34 -18.22 -15.01
C ASP A 417 7.45 -19.43 -15.33
N ALA A 418 7.79 -20.17 -16.41
CA ALA A 418 7.05 -21.36 -16.87
C ALA A 418 6.83 -22.42 -15.77
N SER A 419 7.79 -22.57 -14.83
CA SER A 419 7.66 -23.53 -13.72
C SER A 419 6.50 -23.17 -12.79
N ALA A 420 6.28 -21.86 -12.55
CA ALA A 420 5.19 -21.38 -11.69
C ALA A 420 3.83 -21.51 -12.38
N VAL A 421 3.78 -21.44 -13.73
CA VAL A 421 2.54 -21.59 -14.51
C VAL A 421 2.12 -23.06 -14.47
N GLU A 422 3.07 -23.98 -14.75
CA GLU A 422 2.82 -25.43 -14.75
C GLU A 422 2.29 -25.88 -13.37
N HIS A 423 2.86 -25.33 -12.28
CA HIS A 423 2.43 -25.64 -10.92
C HIS A 423 1.06 -25.02 -10.62
N GLU A 424 0.81 -23.79 -11.09
CA GLU A 424 -0.48 -23.11 -10.91
C GLU A 424 -1.61 -23.89 -11.61
N VAL A 425 -1.33 -24.48 -12.78
CA VAL A 425 -2.31 -25.29 -13.52
C VAL A 425 -2.54 -26.61 -12.77
N ASP A 426 -1.47 -27.26 -12.25
CA ASP A 426 -1.57 -28.52 -11.50
C ASP A 426 -2.43 -28.36 -10.24
N GLN A 427 -2.36 -27.18 -9.58
CA GLN A 427 -3.19 -26.90 -8.39
C GLN A 427 -4.68 -26.85 -8.76
N VAL A 428 -5.02 -26.18 -9.88
CA VAL A 428 -6.41 -26.09 -10.36
C VAL A 428 -6.88 -27.45 -10.92
N LEU A 429 -5.99 -28.16 -11.64
CA LEU A 429 -6.30 -29.49 -12.21
C LEU A 429 -6.56 -30.53 -11.11
N ASP A 430 -5.93 -30.37 -9.92
CA ASP A 430 -6.14 -31.27 -8.78
C ASP A 430 -7.58 -31.13 -8.24
N ALA A 431 -8.10 -29.89 -8.21
CA ALA A 431 -9.47 -29.62 -7.76
C ALA A 431 -10.45 -30.03 -8.86
N VAL A 432 -10.22 -29.55 -10.11
CA VAL A 432 -11.06 -29.88 -11.26
C VAL A 432 -10.52 -31.12 -11.97
N GLU A 441 -13.70 -30.88 -18.46
CA GLU A 441 -14.29 -29.72 -19.14
C GLU A 441 -13.47 -28.46 -18.83
N TYR A 442 -13.05 -27.70 -19.87
CA TYR A 442 -12.25 -26.49 -19.65
C TYR A 442 -13.09 -25.37 -19.02
N SER A 443 -14.45 -25.41 -19.15
CA SER A 443 -15.33 -24.42 -18.54
C SER A 443 -15.23 -24.50 -17.00
N GLU A 444 -15.16 -25.73 -16.45
CA GLU A 444 -15.03 -25.95 -15.01
C GLU A 444 -13.65 -25.50 -14.53
N PHE A 445 -12.58 -25.78 -15.31
CA PHE A 445 -11.22 -25.36 -15.00
C PHE A 445 -11.13 -23.82 -15.00
N VAL A 446 -11.78 -23.18 -15.98
CA VAL A 446 -11.80 -21.70 -16.09
C VAL A 446 -12.37 -21.10 -14.80
N THR A 447 -13.47 -21.66 -14.29
CA THR A 447 -14.10 -21.18 -13.05
C THR A 447 -13.15 -21.30 -11.85
N VAL A 448 -12.43 -22.44 -11.71
CA VAL A 448 -11.56 -22.67 -10.55
C VAL A 448 -10.36 -21.72 -10.59
N ALA A 449 -9.64 -21.67 -11.72
CA ALA A 449 -8.46 -20.80 -11.86
C ALA A 449 -8.79 -19.33 -11.60
N MET A 450 -9.99 -18.86 -12.00
CA MET A 450 -10.41 -17.49 -11.78
C MET A 450 -10.95 -17.31 -10.35
N ASP A 451 -11.67 -18.32 -9.81
CA ASP A 451 -12.18 -18.28 -8.42
C ASP A 451 -11.03 -18.22 -7.42
N ARG A 452 -9.85 -18.82 -7.74
CA ARG A 452 -8.69 -18.77 -6.84
C ARG A 452 -8.15 -17.35 -6.75
N LYS A 453 -8.15 -16.61 -7.88
CA LYS A 453 -7.70 -15.20 -7.91
C LYS A 453 -8.71 -14.29 -7.19
N THR A 454 -10.03 -14.57 -7.28
CA THR A 454 -11.05 -13.75 -6.59
C THR A 454 -11.04 -14.08 -5.09
N LEU A 455 -10.83 -15.37 -4.72
CA LEU A 455 -10.81 -15.84 -3.32
C LEU A 455 -9.81 -15.05 -2.46
N LEU A 456 -8.63 -14.72 -3.03
CA LEU A 456 -7.61 -13.95 -2.32
C LEU A 456 -8.09 -12.51 -2.03
N SER A 457 -9.01 -11.96 -2.86
CA SER A 457 -9.56 -10.61 -2.70
C SER A 457 -10.88 -10.58 -1.89
N ARG A 458 -11.76 -11.63 -1.99
CA ARG A 458 -13.03 -11.60 -1.24
C ARG A 458 -12.81 -11.83 0.27
N GLU A 459 -11.85 -12.69 0.65
CA GLU A 459 -11.61 -12.97 2.07
C GLU A 459 -10.97 -11.75 2.75
N ARG A 460 -10.16 -10.95 2.02
CA ARG A 460 -9.58 -9.72 2.57
C ARG A 460 -10.70 -8.71 2.85
N LEU A 461 -11.70 -8.62 1.94
CA LEU A 461 -12.84 -7.71 2.09
C LEU A 461 -13.66 -8.05 3.33
N GLU A 462 -14.00 -9.34 3.52
CA GLU A 462 -14.77 -9.78 4.68
C GLU A 462 -13.96 -9.52 5.95
N ARG A 463 -12.67 -9.91 5.96
CA ARG A 463 -11.79 -9.68 7.12
C ARG A 463 -11.74 -8.19 7.45
N ALA A 464 -11.62 -7.32 6.41
CA ALA A 464 -11.60 -5.87 6.60
C ALA A 464 -12.94 -5.35 7.11
N PHE A 465 -14.07 -5.89 6.59
CA PHE A 465 -15.40 -5.50 7.06
C PHE A 465 -15.56 -5.89 8.54
N ARG A 466 -15.17 -7.13 8.90
CA ARG A 466 -15.26 -7.62 10.30
C ARG A 466 -14.40 -6.76 11.21
N MET A 467 -13.18 -6.40 10.77
CA MET A 467 -12.27 -5.57 11.57
C MET A 467 -12.82 -4.15 11.74
N PHE A 468 -13.41 -3.56 10.68
CA PHE A 468 -14.02 -2.23 10.74
C PHE A 468 -15.20 -2.26 11.72
N ASP A 469 -16.00 -3.34 11.67
CA ASP A 469 -17.14 -3.55 12.57
C ASP A 469 -16.59 -3.95 13.96
N SER A 470 -16.04 -2.96 14.69
CA SER A 470 -15.39 -3.17 16.00
C SER A 470 -16.36 -3.61 17.11
N ASP A 471 -17.66 -3.21 17.04
CA ASP A 471 -18.65 -3.58 18.06
C ASP A 471 -19.36 -4.93 17.71
N ASN A 472 -18.94 -5.60 16.61
CA ASN A 472 -19.46 -6.90 16.15
C ASN A 472 -21.01 -6.87 15.98
N SER A 473 -21.55 -5.73 15.53
CA SER A 473 -22.99 -5.59 15.29
C SER A 473 -23.42 -6.32 14.02
N GLY A 474 -22.46 -6.61 13.14
CA GLY A 474 -22.72 -7.24 11.86
C GLY A 474 -23.14 -6.27 10.77
N LYS A 475 -23.23 -4.96 11.10
CA LYS A 475 -23.68 -3.94 10.18
C LYS A 475 -22.78 -2.70 10.24
N ILE A 476 -22.86 -1.86 9.19
CA ILE A 476 -22.18 -0.57 9.14
C ILE A 476 -23.25 0.48 8.78
N SER A 477 -23.26 1.61 9.49
CA SER A 477 -24.26 2.66 9.30
C SER A 477 -24.06 3.42 7.98
N SER A 478 -25.07 4.21 7.60
CA SER A 478 -25.02 5.05 6.40
C SER A 478 -23.92 6.13 6.53
N THR A 479 -23.70 6.63 7.76
CA THR A 479 -22.65 7.62 8.04
C THR A 479 -21.27 6.97 7.84
N GLU A 480 -21.11 5.71 8.28
CA GLU A 480 -19.84 4.98 8.09
C GLU A 480 -19.60 4.69 6.60
N LEU A 481 -20.68 4.37 5.84
CA LEU A 481 -20.55 4.16 4.39
C LEU A 481 -20.06 5.41 3.69
N ALA A 482 -20.58 6.60 4.11
CA ALA A 482 -20.17 7.89 3.52
C ALA A 482 -18.68 8.13 3.76
N THR A 483 -18.17 7.77 4.96
CA THR A 483 -16.75 7.91 5.28
C THR A 483 -15.92 6.91 4.46
N ILE A 484 -16.37 5.64 4.36
CA ILE A 484 -15.68 4.59 3.60
C ILE A 484 -15.62 4.97 2.11
N PHE A 485 -16.79 5.27 1.51
CA PHE A 485 -16.87 5.65 0.09
C PHE A 485 -16.20 7.00 -0.17
N GLY A 486 -16.11 7.84 0.87
CA GLY A 486 -15.40 9.11 0.81
C GLY A 486 -13.91 8.86 0.66
N VAL A 487 -13.34 7.96 1.48
CA VAL A 487 -11.92 7.57 1.41
C VAL A 487 -11.67 6.82 0.08
N SER A 488 -12.63 5.95 -0.35
CA SER A 488 -12.52 5.22 -1.62
C SER A 488 -12.76 6.12 -2.85
N ASP A 489 -13.33 7.34 -2.64
CA ASP A 489 -13.59 8.35 -3.67
C ASP A 489 -14.69 7.89 -4.66
N VAL A 490 -15.75 7.28 -4.12
CA VAL A 490 -16.93 6.87 -4.89
C VAL A 490 -17.94 8.00 -4.65
N ASP A 491 -18.38 8.68 -5.72
CA ASP A 491 -19.33 9.80 -5.65
C ASP A 491 -20.52 9.47 -4.71
N SER A 492 -20.89 10.43 -3.85
CA SER A 492 -21.95 10.25 -2.85
C SER A 492 -23.29 9.81 -3.45
N GLU A 493 -23.72 10.44 -4.55
CA GLU A 493 -25.01 10.11 -5.20
C GLU A 493 -24.98 8.73 -5.90
N THR A 494 -23.79 8.23 -6.28
CA THR A 494 -23.68 6.95 -6.99
C THR A 494 -23.89 5.76 -6.02
N TRP A 495 -23.26 5.77 -4.83
CA TRP A 495 -23.43 4.63 -3.91
C TRP A 495 -24.83 4.62 -3.26
N LYS A 496 -25.42 5.81 -2.97
CA LYS A 496 -26.77 5.90 -2.40
C LYS A 496 -27.81 5.28 -3.35
N SER A 497 -27.65 5.50 -4.66
CA SER A 497 -28.53 4.93 -5.69
C SER A 497 -28.37 3.40 -5.76
N VAL A 498 -27.11 2.92 -5.74
CA VAL A 498 -26.79 1.50 -5.79
C VAL A 498 -27.33 0.79 -4.52
N LEU A 499 -27.27 1.44 -3.35
CA LEU A 499 -27.79 0.87 -2.10
C LEU A 499 -29.29 0.60 -2.20
N SER A 500 -30.07 1.58 -2.69
CA SER A 500 -31.54 1.45 -2.84
C SER A 500 -31.94 0.31 -3.80
N GLU A 501 -31.09 -0.05 -4.78
CA GLU A 501 -31.37 -1.13 -5.72
C GLU A 501 -31.26 -2.51 -5.03
N VAL A 502 -30.25 -2.70 -4.17
CA VAL A 502 -30.03 -3.98 -3.47
C VAL A 502 -30.82 -4.03 -2.15
N ASP A 503 -30.69 -2.99 -1.28
CA ASP A 503 -31.39 -2.94 0.02
C ASP A 503 -32.89 -2.77 -0.17
N LYS A 504 -33.36 -1.59 -0.63
CA LYS A 504 -34.77 -1.27 -0.86
C LYS A 504 -35.60 -1.45 0.41
N ASN A 506 -34.69 0.06 4.17
CA ASN A 506 -34.28 1.45 4.37
C ASN A 506 -34.00 1.73 5.87
N ASP A 507 -33.16 0.89 6.49
CA ASP A 507 -32.79 1.03 7.90
C ASP A 507 -31.55 1.93 8.10
N GLY A 508 -30.92 2.39 7.00
CA GLY A 508 -29.74 3.23 7.08
C GLY A 508 -28.50 2.47 7.51
N GLU A 509 -28.48 1.16 7.26
CA GLU A 509 -27.35 0.29 7.60
C GLU A 509 -27.33 -0.93 6.70
N VAL A 510 -26.14 -1.49 6.45
CA VAL A 510 -25.99 -2.65 5.58
C VAL A 510 -25.13 -3.71 6.26
N ASP A 511 -25.40 -5.00 5.97
CA ASP A 511 -24.60 -6.12 6.46
C ASP A 511 -23.48 -6.39 5.44
N PHE A 512 -22.63 -7.42 5.68
CA PHE A 512 -21.52 -7.72 4.78
C PHE A 512 -22.00 -8.08 3.36
N ASP A 513 -23.01 -8.95 3.24
CA ASP A 513 -23.52 -9.36 1.93
C ASP A 513 -24.07 -8.16 1.16
N GLU A 514 -24.86 -7.30 1.82
CA GLU A 514 -25.39 -6.08 1.20
C GLU A 514 -24.25 -5.14 0.80
N PHE A 515 -23.22 -5.01 1.64
CA PHE A 515 -22.05 -4.19 1.32
C PHE A 515 -21.32 -4.75 0.11
N GLN A 516 -21.12 -6.09 0.06
CA GLN A 516 -20.49 -6.76 -1.07
C GLN A 516 -21.33 -6.55 -2.34
N GLN A 517 -22.68 -6.68 -2.24
CA GLN A 517 -23.60 -6.46 -3.36
C GLN A 517 -23.48 -5.03 -3.90
N MET A 518 -23.27 -4.03 -3.03
CA MET A 518 -23.11 -2.64 -3.48
C MET A 518 -21.84 -2.50 -4.33
N LEU A 519 -20.71 -3.08 -3.87
CA LEU A 519 -19.44 -3.02 -4.60
C LEU A 519 -19.54 -3.73 -5.95
N LEU A 520 -20.26 -4.87 -6.00
CA LEU A 520 -20.48 -5.59 -7.26
C LEU A 520 -21.26 -4.72 -8.25
N LYS A 521 -22.31 -4.03 -7.77
CA LYS A 521 -23.10 -3.13 -8.61
C LYS A 521 -22.27 -1.88 -9.00
N LEU A 522 -21.31 -1.46 -8.14
CA LEU A 522 -20.44 -0.32 -8.45
C LEU A 522 -19.32 -0.69 -9.47
N CYS A 523 -19.24 -1.95 -9.97
CA CYS A 523 -18.22 -2.32 -10.97
C CYS A 523 -18.86 -3.18 -12.09
N GLY A 524 -20.08 -2.82 -12.50
CA GLY A 524 -20.77 -3.46 -13.61
C GLY A 524 -21.62 -4.69 -13.31
N ASN A 525 -21.37 -5.40 -12.20
CA ASN A 525 -22.12 -6.61 -11.85
C ASN A 525 -23.33 -6.24 -10.98
C4 6LO B . 7.14 -5.08 1.99
C5 6LO B . 8.40 -4.93 1.54
C6 6LO B . 9.40 -5.59 2.19
N1 6LO B . 9.17 -6.40 3.25
N3 6LO B . 6.85 -5.86 3.05
CAD 6LO B . 4.85 -4.19 1.37
NAE 6LO B . 6.32 -4.33 1.24
CAF 6LO B . 7.06 -3.70 0.33
C2 6LO B . 7.86 -6.57 3.71
NAX 6LO B . 10.64 -5.44 1.78
CAG 6LO B . 8.34 -4.02 0.54
CAH 6LO B . 9.28 -3.68 -0.36
CAM 6LO B . 9.66 -2.34 -0.57
CAI 6LO B . 9.75 -4.66 -1.24
CAJ 6LO B . 10.68 -4.35 -2.23
CAK 6LO B . 11.09 -3.02 -2.41
CAL 6LO B . 10.59 -2.00 -1.58
OAN 6LO B . 10.98 -0.69 -1.70
CAO 6LO B . 11.77 -0.32 -2.86
CAP 6LO B . 12.89 0.45 -2.53
CAQ 6LO B . 13.34 1.44 -3.41
CAR 6LO B . 14.47 2.21 -3.13
CAS 6LO B . 15.18 2.00 -1.95
CAT 6LO B . 14.76 1.00 -1.05
CAU 6LO B . 13.62 0.24 -1.36
CA CA C . -21.07 -2.43 13.63
C1 EDO D . -23.51 0.31 14.55
O1 EDO D . -22.30 -0.24 14.06
C2 EDO D . -24.68 -0.10 13.62
O2 EDO D . -24.87 -1.50 13.68
H11 EDO D . -23.71 0.02 15.58
H12 EDO D . -23.36 1.39 14.53
HO1 EDO D . -21.59 -0.02 14.71
H21 EDO D . -25.62 0.34 13.96
H22 EDO D . -24.52 0.26 12.60
HO2 EDO D . -25.81 -1.69 13.41
#